data_2J65
#
_entry.id   2J65
#
_cell.length_a   101.755
_cell.length_b   101.755
_cell.length_c   124.243
_cell.angle_alpha   90.00
_cell.angle_beta   90.00
_cell.angle_gamma   120.00
#
_symmetry.space_group_name_H-M   'P 61'
#
loop_
_entity.id
_entity.type
_entity.pdbx_description
1 polymer 'UDP-3-O-[3-HYDROXYMYRISTOYL] N-ACETYLGLUCOSAMINE DEACETYLASE'
2 non-polymer 'ZINC ION'
3 non-polymer 'CHLORIDE ION'
4 non-polymer 'MYRISTIC ACID'
5 non-polymer "URIDINE-5'-DIPHOSPHATE"
6 water water
#
_entity_poly.entity_id   1
_entity_poly.type   'polypeptide(L)'
_entity_poly.pdbx_seq_one_letter_code
;MGLEKTVKEKLSFEGVGIHTGEYSKLIIHPEKEGTGIRFFKNGVYIPARHEFVVHTNHSTDLGFKGQRIKTVEHILSVLH
LLEITNVTIEVIGNEIPILDGSGWEFYEAIRKNILNQNREIDYFVVEEPIIVEDEGRLIKAEPSDTLEVTYEGEFKNFLG
RQKFTFVEGNEEEIVLARTFAFDWEIEHIKKVGLGKGGSLKNTLVLGKDKVYNPEGLRYENEPVRHKVFDLIGDLYLLGS
PVKGKFYSFRGGHSLNVKLVKELAKKQKLTR
;
_entity_poly.pdbx_strand_id   A,B
#
loop_
_chem_comp.id
_chem_comp.type
_chem_comp.name
_chem_comp.formula
CL non-polymer 'CHLORIDE ION' 'Cl -1'
MYR non-polymer 'MYRISTIC ACID' 'C14 H28 O2'
UDP RNA linking URIDINE-5'-DIPHOSPHATE 'C9 H14 N2 O12 P2'
ZN non-polymer 'ZINC ION' 'Zn 2'
#
# COMPACT_ATOMS: atom_id res chain seq x y z
N GLY A 2 36.37 14.20 19.09
CA GLY A 2 35.03 14.76 19.42
C GLY A 2 34.62 14.38 20.82
N LEU A 3 33.74 15.17 21.42
CA LEU A 3 33.22 14.84 22.74
C LEU A 3 31.99 13.94 22.66
N GLU A 4 31.84 13.07 23.65
CA GLU A 4 30.64 12.26 23.81
C GLU A 4 29.41 13.15 23.83
N LYS A 5 28.30 12.65 23.28
CA LYS A 5 27.07 13.42 23.18
C LYS A 5 25.86 12.57 23.58
N THR A 6 24.86 13.27 24.11
CA THR A 6 23.56 12.68 24.40
C THR A 6 22.49 13.63 23.89
N VAL A 7 21.24 13.39 24.23
CA VAL A 7 20.17 14.32 23.88
C VAL A 7 19.84 15.23 25.08
N LYS A 8 19.36 16.44 24.81
CA LYS A 8 19.04 17.44 25.85
C LYS A 8 17.78 17.08 26.64
N GLU A 9 16.89 16.32 26.01
CA GLU A 9 15.64 15.87 26.63
C GLU A 9 15.10 14.64 25.89
N LYS A 10 14.06 14.04 26.46
CA LYS A 10 13.33 12.93 25.85
C LYS A 10 12.72 13.30 24.51
N LEU A 11 12.96 12.48 23.49
CA LEU A 11 12.41 12.67 22.16
C LEU A 11 11.53 11.47 21.80
N SER A 12 10.36 11.73 21.23
CA SER A 12 9.40 10.68 20.89
C SER A 12 9.18 10.53 19.40
N PHE A 13 8.99 9.29 18.96
CA PHE A 13 8.67 8.94 17.57
C PHE A 13 7.70 7.78 17.58
N GLU A 14 6.79 7.73 16.62
CA GLU A 14 5.83 6.62 16.54
C GLU A 14 5.35 6.38 15.12
N GLY A 15 4.98 5.13 14.85
CA GLY A 15 4.35 4.78 13.59
C GLY A 15 4.36 3.29 13.38
N VAL A 16 3.88 2.87 12.22
CA VAL A 16 3.90 1.49 11.79
C VAL A 16 5.34 1.00 11.57
N GLY A 17 5.60 -0.27 11.90
CA GLY A 17 6.86 -0.94 11.56
C GLY A 17 6.72 -1.58 10.20
N ILE A 18 7.75 -1.46 9.36
CA ILE A 18 7.64 -1.90 7.95
C ILE A 18 7.40 -3.41 7.78
N HIS A 19 7.93 -4.21 8.70
CA HIS A 19 7.85 -5.67 8.61
C HIS A 19 6.70 -6.28 9.39
N THR A 20 6.46 -5.77 10.59
CA THR A 20 5.43 -6.35 11.45
C THR A 20 4.03 -5.83 11.12
N GLY A 21 3.96 -4.64 10.53
CA GLY A 21 2.68 -3.99 10.25
C GLY A 21 2.00 -3.48 11.51
N GLU A 22 2.74 -3.48 12.62
CA GLU A 22 2.22 -3.07 13.94
C GLU A 22 2.70 -1.65 14.27
N TYR A 23 1.90 -0.94 15.05
CA TYR A 23 2.26 0.38 15.57
C TYR A 23 3.21 0.23 16.74
N SER A 24 4.28 1.00 16.76
CA SER A 24 5.21 1.00 17.88
C SER A 24 5.58 2.42 18.26
N LYS A 25 6.22 2.58 19.41
CA LYS A 25 6.56 3.90 19.90
C LYS A 25 7.97 3.93 20.46
N LEU A 26 8.64 5.04 20.21
CA LEU A 26 10.04 5.20 20.56
C LEU A 26 10.23 6.36 21.52
N ILE A 27 10.93 6.12 22.62
CA ILE A 27 11.34 7.21 23.52
C ILE A 27 12.85 7.19 23.71
N ILE A 28 13.49 8.27 23.26
CA ILE A 28 14.94 8.38 23.36
C ILE A 28 15.29 9.14 24.63
N HIS A 29 16.01 8.47 25.54
CA HIS A 29 16.34 9.00 26.86
C HIS A 29 17.81 9.39 26.93
N PRO A 30 18.11 10.58 27.51
CA PRO A 30 19.48 10.98 27.85
C PRO A 30 20.14 10.00 28.80
N GLU A 31 21.44 9.79 28.63
CA GLU A 31 22.23 8.96 29.53
C GLU A 31 23.57 9.63 29.77
N LYS A 32 24.23 9.31 30.87
CA LYS A 32 25.52 9.92 31.23
C LYS A 32 26.69 9.33 30.45
N GLU A 33 27.87 9.96 30.60
CA GLU A 33 29.12 9.53 29.98
C GLU A 33 29.41 8.05 30.19
N GLY A 34 29.85 7.37 29.13
CA GLY A 34 30.23 5.95 29.20
C GLY A 34 29.12 4.91 29.19
N THR A 35 27.87 5.34 29.01
CA THR A 35 26.73 4.39 28.94
C THR A 35 26.67 3.59 27.62
N GLY A 36 27.02 4.23 26.51
CA GLY A 36 26.92 3.61 25.19
C GLY A 36 25.49 3.71 24.66
N ILE A 37 25.26 3.14 23.49
CA ILE A 37 23.92 3.08 22.92
C ILE A 37 23.27 1.74 23.27
N ARG A 38 22.07 1.81 23.83
CA ARG A 38 21.31 0.61 24.15
C ARG A 38 19.82 0.80 23.89
N PHE A 39 19.15 -0.30 23.60
CA PHE A 39 17.70 -0.32 23.49
C PHE A 39 17.13 -0.82 24.80
N PHE A 40 15.89 -0.47 25.07
CA PHE A 40 15.21 -0.93 26.28
C PHE A 40 13.80 -1.39 25.90
N LYS A 41 13.42 -2.59 26.36
CA LYS A 41 12.14 -3.19 25.98
C LYS A 41 11.70 -4.21 27.02
N ASN A 42 10.49 -4.02 27.56
CA ASN A 42 9.91 -4.94 28.56
C ASN A 42 10.91 -5.29 29.67
N GLY A 43 11.53 -4.25 30.23
CA GLY A 43 12.48 -4.42 31.32
C GLY A 43 13.87 -4.91 30.95
N VAL A 44 14.12 -5.12 29.66
CA VAL A 44 15.43 -5.65 29.23
C VAL A 44 16.23 -4.61 28.43
N TYR A 45 17.49 -4.39 28.84
CA TYR A 45 18.43 -3.57 28.09
C TYR A 45 19.15 -4.41 27.03
N ILE A 46 19.03 -4.00 25.77
CA ILE A 46 19.77 -4.65 24.68
C ILE A 46 20.80 -3.67 24.11
N PRO A 47 22.11 -3.88 24.40
CA PRO A 47 23.15 -3.06 23.78
C PRO A 47 23.11 -3.08 22.24
N ALA A 48 23.39 -1.92 21.64
CA ALA A 48 23.50 -1.80 20.19
C ALA A 48 24.89 -2.31 19.77
N ARG A 49 25.11 -3.61 19.96
CA ARG A 49 26.36 -4.28 19.62
C ARG A 49 26.16 -5.56 18.80
N HIS A 50 27.19 -5.96 18.08
CA HIS A 50 27.09 -7.11 17.16
C HIS A 50 26.76 -8.43 17.84
N GLU A 51 27.12 -8.59 19.11
CA GLU A 51 26.83 -9.84 19.87
C GLU A 51 25.34 -10.10 20.02
N PHE A 52 24.54 -9.06 19.83
CA PHE A 52 23.11 -9.13 20.05
C PHE A 52 22.29 -9.20 18.74
N VAL A 53 22.95 -9.28 17.59
CA VAL A 53 22.24 -9.45 16.31
C VAL A 53 21.64 -10.87 16.22
N VAL A 54 20.36 -10.94 15.86
CA VAL A 54 19.66 -12.24 15.77
C VAL A 54 19.14 -12.59 14.35
N HIS A 55 19.08 -11.58 13.48
CA HIS A 55 18.55 -11.72 12.11
C HIS A 55 19.11 -10.57 11.26
N THR A 56 19.48 -10.87 10.01
CA THR A 56 19.98 -9.85 9.07
C THR A 56 19.39 -9.93 7.66
N ASN A 57 18.44 -10.84 7.41
CA ASN A 57 17.96 -11.06 6.03
C ASN A 57 17.33 -9.85 5.34
N HIS A 58 16.32 -9.26 5.96
CA HIS A 58 15.63 -8.11 5.35
C HIS A 58 15.55 -6.89 6.30
N SER A 59 16.44 -6.87 7.27
CA SER A 59 16.60 -5.81 8.29
C SER A 59 17.68 -6.29 9.26
N THR A 60 18.17 -5.40 10.11
CA THR A 60 19.08 -5.79 11.19
C THR A 60 18.26 -5.83 12.48
N ASP A 61 18.19 -7.02 13.09
CA ASP A 61 17.39 -7.20 14.29
C ASP A 61 18.28 -7.58 15.47
N LEU A 62 17.91 -7.07 16.65
CA LEU A 62 18.64 -7.33 17.89
C LEU A 62 17.79 -8.07 18.89
N GLY A 63 18.44 -8.80 19.79
CA GLY A 63 17.70 -9.50 20.84
C GLY A 63 18.56 -9.91 22.02
N PHE A 64 17.92 -10.02 23.18
CA PHE A 64 18.57 -10.44 24.42
C PHE A 64 17.53 -10.91 25.42
N LYS A 65 17.86 -11.98 26.13
CA LYS A 65 17.00 -12.52 27.22
C LYS A 65 15.51 -12.63 26.85
N GLY A 66 15.24 -13.00 25.61
CA GLY A 66 13.87 -13.21 25.15
C GLY A 66 13.17 -12.01 24.54
N GLN A 67 13.83 -10.85 24.50
CA GLN A 67 13.23 -9.63 23.94
C GLN A 67 13.90 -9.27 22.62
N ARG A 68 13.11 -9.02 21.58
CA ARG A 68 13.69 -8.80 20.25
C ARG A 68 13.21 -7.47 19.69
N ILE A 69 14.06 -6.82 18.91
CA ILE A 69 13.69 -5.57 18.24
C ILE A 69 14.10 -5.62 16.78
N LYS A 70 13.13 -5.44 15.90
CA LYS A 70 13.36 -5.45 14.46
C LYS A 70 13.71 -4.05 13.93
N THR A 71 14.58 -4.04 12.93
CA THR A 71 14.81 -2.88 12.05
C THR A 71 15.49 -1.69 12.75
N VAL A 72 16.67 -1.95 13.32
CA VAL A 72 17.42 -0.95 14.06
C VAL A 72 18.40 -0.11 13.19
N GLU A 73 18.55 -0.47 11.93
CA GLU A 73 19.59 0.12 11.06
C GLU A 73 19.50 1.63 10.84
N HIS A 74 18.28 2.17 10.74
CA HIS A 74 18.10 3.59 10.45
C HIS A 74 18.29 4.51 11.66
N ILE A 75 17.72 4.15 12.81
CA ILE A 75 17.95 4.93 14.02
C ILE A 75 19.44 4.89 14.38
N LEU A 76 20.08 3.72 14.26
CA LEU A 76 21.52 3.61 14.56
C LEU A 76 22.43 4.40 13.62
N SER A 77 22.04 4.49 12.34
CA SER A 77 22.80 5.26 11.36
C SER A 77 22.78 6.75 11.69
N VAL A 78 21.60 7.25 12.07
CA VAL A 78 21.44 8.64 12.48
C VAL A 78 22.27 8.95 13.74
N LEU A 79 22.26 8.05 14.72
CA LEU A 79 23.03 8.24 15.94
C LEU A 79 24.54 8.26 15.67
N HIS A 80 24.98 7.38 14.77
CA HIS A 80 26.37 7.32 14.31
C HIS A 80 26.78 8.61 13.60
N LEU A 81 25.94 9.09 12.69
CA LEU A 81 26.21 10.29 11.91
C LEU A 81 26.33 11.54 12.79
N LEU A 82 25.52 11.61 13.86
CA LEU A 82 25.52 12.76 14.77
C LEU A 82 26.46 12.55 15.96
N GLU A 83 27.17 11.43 15.96
CA GLU A 83 28.05 11.05 17.07
C GLU A 83 27.35 11.04 18.43
N ILE A 84 26.08 10.66 18.46
CA ILE A 84 25.40 10.41 19.73
C ILE A 84 25.93 9.10 20.28
N THR A 85 26.52 9.16 21.47
CA THR A 85 27.25 8.03 22.04
C THR A 85 26.60 7.47 23.31
N ASN A 86 25.74 8.26 23.95
CA ASN A 86 25.08 7.83 25.20
C ASN A 86 23.57 8.06 25.19
N VAL A 87 22.80 7.03 24.84
CA VAL A 87 21.32 7.11 24.90
C VAL A 87 20.69 5.75 25.13
N THR A 88 19.50 5.77 25.73
CA THR A 88 18.64 4.61 25.79
C THR A 88 17.45 4.81 24.86
N ILE A 89 17.25 3.85 23.96
CA ILE A 89 16.10 3.89 23.06
C ILE A 89 15.05 2.92 23.59
N GLU A 90 14.05 3.46 24.27
CA GLU A 90 12.96 2.65 24.78
C GLU A 90 12.00 2.35 23.64
N VAL A 91 11.72 1.07 23.42
CA VAL A 91 10.78 0.66 22.38
C VAL A 91 9.51 0.07 23.00
N ILE A 92 8.37 0.64 22.67
CA ILE A 92 7.10 0.02 23.09
C ILE A 92 6.51 -0.58 21.81
N GLY A 93 6.72 -1.89 21.66
CA GLY A 93 6.48 -2.57 20.40
C GLY A 93 7.62 -3.52 20.06
N ASN A 94 7.62 -4.01 18.82
CA ASN A 94 8.51 -5.08 18.41
C ASN A 94 9.47 -4.67 17.29
N GLU A 95 9.36 -3.41 16.85
CA GLU A 95 10.11 -2.91 15.70
C GLU A 95 10.28 -1.41 15.82
N ILE A 96 11.39 -0.89 15.29
CA ILE A 96 11.51 0.55 15.12
C ILE A 96 10.49 1.01 14.04
N PRO A 97 9.73 2.10 14.30
CA PRO A 97 8.90 2.73 13.27
C PRO A 97 9.73 3.07 12.03
N ILE A 98 9.16 2.81 10.86
CA ILE A 98 9.87 3.01 9.59
C ILE A 98 9.77 4.47 9.12
N LEU A 99 8.69 5.14 9.52
CA LEU A 99 8.39 6.51 9.09
C LEU A 99 8.32 6.61 7.55
N ASP A 100 9.06 7.55 6.95
CA ASP A 100 9.05 7.63 5.48
C ASP A 100 10.09 6.71 4.81
N GLY A 101 10.74 5.84 5.59
CA GLY A 101 11.75 4.91 5.05
C GLY A 101 13.18 5.44 5.02
N SER A 102 13.37 6.67 5.50
CA SER A 102 14.68 7.31 5.52
C SER A 102 15.04 7.68 6.96
N GLY A 103 16.12 8.44 7.14
CA GLY A 103 16.55 8.85 8.47
C GLY A 103 16.13 10.26 8.84
N TRP A 104 15.41 10.94 7.94
CA TRP A 104 15.19 12.39 8.03
C TRP A 104 14.53 12.90 9.31
N GLU A 105 13.44 12.26 9.73
CA GLU A 105 12.71 12.68 10.92
C GLU A 105 13.54 12.47 12.19
N PHE A 106 14.23 11.34 12.29
CA PHE A 106 15.14 11.09 13.40
C PHE A 106 16.26 12.14 13.38
N TYR A 107 16.88 12.32 12.21
CA TYR A 107 17.99 13.25 12.05
C TYR A 107 17.66 14.69 12.46
N GLU A 108 16.56 15.23 11.95
CA GLU A 108 16.13 16.61 12.27
C GLU A 108 15.81 16.84 13.74
N ALA A 109 15.16 15.87 14.38
CA ALA A 109 14.79 16.00 15.79
C ALA A 109 16.01 15.90 16.70
N ILE A 110 16.89 14.94 16.42
CA ILE A 110 18.06 14.70 17.27
C ILE A 110 19.13 15.79 17.10
N ARG A 111 19.32 16.24 15.86
CA ARG A 111 20.28 17.29 15.53
C ARG A 111 20.04 18.59 16.33
N LYS A 112 18.76 18.89 16.60
CA LYS A 112 18.35 20.07 17.37
C LYS A 112 18.51 19.91 18.88
N ASN A 113 18.81 18.70 19.33
CA ASN A 113 18.83 18.38 20.75
C ASN A 113 20.12 17.72 21.21
N ILE A 114 21.24 18.12 20.62
CA ILE A 114 22.55 17.55 20.98
C ILE A 114 23.12 18.20 22.24
N LEU A 115 23.57 17.36 23.18
CA LEU A 115 24.27 17.81 24.38
C LEU A 115 25.66 17.17 24.47
N ASN A 116 26.68 18.02 24.29
CA ASN A 116 28.08 17.62 24.49
C ASN A 116 28.32 17.33 25.95
N GLN A 117 29.13 16.30 26.21
CA GLN A 117 29.34 15.81 27.56
C GLN A 117 30.82 15.83 27.89
N ASN A 118 31.21 15.24 29.01
CA ASN A 118 32.53 15.49 29.58
C ASN A 118 33.58 14.39 29.37
N ARG A 119 33.64 13.87 28.15
CA ARG A 119 34.56 12.80 27.81
C ARG A 119 34.90 12.84 26.32
N GLU A 120 36.16 12.60 25.97
CA GLU A 120 36.55 12.42 24.57
C GLU A 120 36.04 11.06 24.07
N ILE A 121 35.45 11.04 22.88
CA ILE A 121 34.98 9.78 22.29
C ILE A 121 36.13 8.78 22.15
N ASP A 122 35.86 7.53 22.49
CA ASP A 122 36.80 6.44 22.22
C ASP A 122 36.35 5.74 20.92
N TYR A 123 36.93 6.15 19.79
CA TYR A 123 36.55 5.66 18.46
C TYR A 123 36.98 4.23 18.19
N PHE A 124 36.20 3.50 17.40
CA PHE A 124 36.67 2.24 16.86
C PHE A 124 37.42 2.60 15.60
N VAL A 125 38.73 2.39 15.63
CA VAL A 125 39.60 2.82 14.54
C VAL A 125 40.07 1.58 13.81
N VAL A 126 39.74 1.48 12.52
CA VAL A 126 40.26 0.39 11.68
C VAL A 126 41.80 0.51 11.58
N GLU A 127 42.50 -0.55 11.98
CA GLU A 127 43.95 -0.56 12.09
C GLU A 127 44.67 -1.16 10.86
N GLU A 128 44.00 -2.08 10.16
CA GLU A 128 44.59 -2.68 8.95
C GLU A 128 43.53 -3.03 7.90
N PRO A 129 43.95 -3.24 6.64
CA PRO A 129 42.97 -3.60 5.60
C PRO A 129 42.37 -4.99 5.82
N ILE A 130 41.08 -5.12 5.54
CA ILE A 130 40.38 -6.39 5.60
C ILE A 130 39.38 -6.45 4.43
N ILE A 131 39.12 -7.67 3.96
CA ILE A 131 38.15 -7.92 2.90
C ILE A 131 37.28 -9.09 3.34
N VAL A 132 35.95 -8.91 3.30
CA VAL A 132 35.01 -10.03 3.47
C VAL A 132 34.14 -10.20 2.23
N GLU A 133 33.86 -11.44 1.89
CA GLU A 133 33.19 -11.78 0.64
C GLU A 133 32.05 -12.74 0.86
N ASP A 134 31.11 -12.73 -0.08
CA ASP A 134 30.01 -13.68 -0.09
C ASP A 134 29.37 -13.69 -1.49
N GLU A 135 29.55 -14.78 -2.22
CA GLU A 135 28.84 -15.04 -3.48
C GLU A 135 28.54 -13.77 -4.29
N GLY A 136 29.59 -13.17 -4.85
CA GLY A 136 29.44 -11.95 -5.64
C GLY A 136 29.68 -10.66 -4.85
N ARG A 137 29.17 -10.63 -3.63
CA ARG A 137 29.23 -9.46 -2.77
C ARG A 137 30.56 -9.33 -2.04
N LEU A 138 31.02 -8.10 -1.89
CA LEU A 138 32.33 -7.82 -1.32
C LEU A 138 32.27 -6.53 -0.50
N ILE A 139 32.89 -6.55 0.68
CA ILE A 139 33.16 -5.31 1.42
C ILE A 139 34.62 -5.28 1.85
N LYS A 140 35.25 -4.13 1.68
CA LYS A 140 36.57 -3.91 2.27
C LYS A 140 36.65 -2.66 3.16
N ALA A 141 37.48 -2.77 4.19
CA ALA A 141 37.72 -1.73 5.17
C ALA A 141 39.22 -1.48 5.23
N GLU A 142 39.60 -0.22 5.46
CA GLU A 142 41.01 0.14 5.63
C GLU A 142 41.14 1.40 6.52
N PRO A 143 42.33 1.59 7.13
CA PRO A 143 42.55 2.73 8.03
C PRO A 143 42.32 4.08 7.38
N SER A 144 41.78 5.01 8.16
CA SER A 144 41.48 6.38 7.73
C SER A 144 41.20 7.23 8.97
N ASP A 145 41.58 8.52 8.89
CA ASP A 145 41.37 9.48 9.99
C ASP A 145 39.90 9.87 10.13
N THR A 146 39.15 9.68 9.04
CA THR A 146 37.73 10.02 8.95
C THR A 146 36.89 8.79 8.57
N LEU A 147 35.57 8.88 8.73
CA LEU A 147 34.68 7.86 8.17
C LEU A 147 34.39 8.19 6.70
N GLU A 148 34.72 7.24 5.83
CA GLU A 148 34.42 7.37 4.40
C GLU A 148 33.80 6.06 3.95
N VAL A 149 32.63 6.15 3.32
CA VAL A 149 31.88 4.96 2.93
C VAL A 149 31.41 5.03 1.48
N THR A 150 31.86 4.08 0.68
CA THR A 150 31.46 3.96 -0.72
C THR A 150 30.65 2.68 -0.93
N TYR A 151 29.48 2.82 -1.56
CA TYR A 151 28.71 1.67 -2.03
C TYR A 151 28.62 1.66 -3.55
N GLU A 152 29.01 0.54 -4.14
CA GLU A 152 28.75 0.30 -5.55
C GLU A 152 27.67 -0.77 -5.73
N GLY A 153 26.59 -0.38 -6.37
CA GLY A 153 25.51 -1.27 -6.70
C GLY A 153 25.67 -1.77 -8.13
N GLU A 154 25.15 -2.98 -8.38
CA GLU A 154 25.05 -3.51 -9.72
C GLU A 154 23.69 -4.20 -9.82
N PHE A 155 22.70 -3.45 -10.29
CA PHE A 155 21.33 -3.89 -10.24
C PHE A 155 20.85 -4.45 -11.57
N LYS A 156 19.92 -5.39 -11.50
CA LYS A 156 19.35 -6.04 -12.69
C LYS A 156 18.20 -5.29 -13.34
N ASN A 157 17.86 -4.12 -12.81
CA ASN A 157 16.91 -3.25 -13.48
C ASN A 157 17.59 -2.01 -14.10
N PHE A 158 16.80 -0.98 -14.43
CA PHE A 158 17.32 0.26 -15.01
C PHE A 158 18.49 0.92 -14.23
N LEU A 159 18.57 0.68 -12.92
CA LEU A 159 19.60 1.30 -12.06
C LEU A 159 21.01 0.95 -12.52
N GLY A 160 21.16 -0.25 -13.07
CA GLY A 160 22.45 -0.73 -13.59
C GLY A 160 23.54 -0.65 -12.54
N ARG A 161 24.71 -0.19 -12.97
CA ARG A 161 25.88 -0.14 -12.10
C ARG A 161 26.20 1.31 -11.76
N GLN A 162 26.19 1.62 -10.48
CA GLN A 162 26.58 2.95 -10.02
C GLN A 162 27.05 3.01 -8.59
N LYS A 163 27.56 4.19 -8.22
CA LYS A 163 28.43 4.35 -7.07
C LYS A 163 28.12 5.68 -6.36
N PHE A 164 28.16 5.67 -5.03
CA PHE A 164 28.05 6.89 -4.22
C PHE A 164 29.01 6.81 -3.03
N THR A 165 29.66 7.93 -2.72
CA THR A 165 30.59 8.02 -1.58
C THR A 165 30.17 9.05 -0.52
N PHE A 166 29.99 8.59 0.71
CA PHE A 166 29.84 9.48 1.87
C PHE A 166 31.20 9.85 2.42
N VAL A 167 31.41 11.15 2.68
CA VAL A 167 32.49 11.60 3.56
C VAL A 167 31.91 12.46 4.68
N GLU A 168 32.61 12.48 5.82
CA GLU A 168 32.25 13.35 6.94
C GLU A 168 31.91 14.78 6.50
N GLY A 169 30.79 15.30 7.00
CA GLY A 169 30.31 16.61 6.61
C GLY A 169 29.22 16.59 5.55
N ASN A 170 28.98 15.42 4.97
CA ASN A 170 27.96 15.25 3.93
C ASN A 170 26.76 14.40 4.40
N GLU A 171 26.46 14.47 5.69
CA GLU A 171 25.35 13.70 6.29
C GLU A 171 24.00 13.99 5.63
N GLU A 172 23.76 15.24 5.26
CA GLU A 172 22.51 15.65 4.63
C GLU A 172 22.26 15.01 3.25
N GLU A 173 23.32 14.51 2.63
CA GLU A 173 23.21 13.85 1.32
C GLU A 173 22.66 12.42 1.41
N ILE A 174 22.64 11.83 2.62
CA ILE A 174 22.17 10.44 2.75
C ILE A 174 20.98 10.21 3.69
N VAL A 175 20.67 11.17 4.54
CA VAL A 175 19.60 10.96 5.54
C VAL A 175 18.19 11.00 4.94
N LEU A 176 18.06 11.56 3.74
CA LEU A 176 16.77 11.61 3.04
C LEU A 176 16.50 10.41 2.12
N ALA A 177 17.52 9.59 1.86
CA ALA A 177 17.39 8.43 0.97
C ALA A 177 16.58 7.27 1.58
N ARG A 178 15.55 6.84 0.86
CA ARG A 178 14.59 5.87 1.40
C ARG A 178 14.88 4.42 1.10
N THR A 179 14.38 3.57 1.98
CA THR A 179 14.43 2.13 1.78
CA THR A 179 14.34 2.12 1.82
C THR A 179 13.70 1.77 0.48
N PHE A 180 14.16 0.70 -0.16
CA PHE A 180 13.66 0.34 -1.47
C PHE A 180 13.46 -1.16 -1.62
N ALA A 181 12.56 -1.54 -2.51
CA ALA A 181 12.29 -2.93 -2.80
C ALA A 181 11.98 -3.09 -4.28
N PHE A 182 12.30 -4.26 -4.81
CA PHE A 182 11.99 -4.59 -6.20
C PHE A 182 10.67 -5.35 -6.29
N ASP A 183 9.88 -5.07 -7.34
CA ASP A 183 8.56 -5.69 -7.46
C ASP A 183 8.58 -7.23 -7.48
N TRP A 184 9.61 -7.81 -8.09
CA TRP A 184 9.79 -9.25 -8.13
C TRP A 184 10.19 -9.88 -6.79
N GLU A 185 10.58 -9.04 -5.82
CA GLU A 185 10.97 -9.51 -4.48
C GLU A 185 9.81 -9.53 -3.49
N ILE A 186 8.73 -8.82 -3.83
CA ILE A 186 7.61 -8.66 -2.90
C ILE A 186 7.00 -10.00 -2.45
N GLU A 187 6.81 -10.94 -3.39
CA GLU A 187 6.20 -12.23 -3.06
C GLU A 187 6.99 -12.99 -1.99
N HIS A 188 8.31 -13.03 -2.15
CA HIS A 188 9.17 -13.69 -1.18
C HIS A 188 9.06 -13.07 0.21
N ILE A 189 9.17 -11.73 0.27
CA ILE A 189 9.14 -10.98 1.53
C ILE A 189 7.83 -11.20 2.30
N LYS A 190 6.70 -11.16 1.60
CA LYS A 190 5.39 -11.41 2.20
C LYS A 190 5.26 -12.85 2.68
N LYS A 191 5.84 -13.77 1.90
CA LYS A 191 5.74 -15.20 2.13
C LYS A 191 6.55 -15.67 3.36
N VAL A 192 7.65 -14.96 3.67
CA VAL A 192 8.40 -15.27 4.89
C VAL A 192 7.88 -14.53 6.13
N GLY A 193 6.72 -13.88 6.02
CA GLY A 193 6.09 -13.22 7.16
C GLY A 193 6.62 -11.82 7.46
N LEU A 194 7.11 -11.15 6.42
CA LEU A 194 7.67 -9.80 6.54
C LEU A 194 6.92 -8.81 5.63
N GLY A 195 7.40 -7.56 5.62
CA GLY A 195 6.86 -6.51 4.73
C GLY A 195 5.41 -6.12 4.94
N LYS A 196 4.87 -6.47 6.12
CA LYS A 196 3.44 -6.24 6.44
C LYS A 196 3.02 -4.78 6.59
N GLY A 197 3.99 -3.91 6.91
CA GLY A 197 3.70 -2.47 6.98
C GLY A 197 4.18 -1.67 5.78
N GLY A 198 4.64 -2.36 4.73
CA GLY A 198 5.19 -1.72 3.54
C GLY A 198 4.12 -1.09 2.67
N SER A 199 4.41 0.11 2.16
CA SER A 199 3.54 0.81 1.20
C SER A 199 4.37 1.82 0.40
N LEU A 200 3.73 2.58 -0.49
CA LEU A 200 4.47 3.57 -1.27
C LEU A 200 4.80 4.82 -0.48
N LYS A 201 4.27 4.91 0.74
CA LYS A 201 4.55 6.03 1.64
C LYS A 201 5.81 5.83 2.44
N ASN A 202 6.27 4.57 2.57
CA ASN A 202 7.50 4.29 3.29
C ASN A 202 8.57 3.48 2.55
N THR A 203 8.32 3.15 1.29
CA THR A 203 9.18 2.27 0.51
C THR A 203 9.18 2.72 -0.95
N LEU A 204 10.36 2.79 -1.55
CA LEU A 204 10.46 2.96 -3.01
C LEU A 204 10.34 1.60 -3.66
N VAL A 205 9.29 1.42 -4.47
CA VAL A 205 9.09 0.16 -5.18
C VAL A 205 9.48 0.34 -6.65
N LEU A 206 10.43 -0.48 -7.08
CA LEU A 206 11.01 -0.38 -8.40
C LEU A 206 10.77 -1.65 -9.19
N GLY A 207 10.49 -1.48 -10.48
CA GLY A 207 10.42 -2.62 -11.40
C GLY A 207 11.62 -2.62 -12.33
N LYS A 208 11.61 -3.51 -13.31
CA LYS A 208 12.68 -3.59 -14.31
C LYS A 208 12.91 -2.26 -15.03
N ASP A 209 11.82 -1.57 -15.35
CA ASP A 209 11.87 -0.34 -16.10
C ASP A 209 11.20 0.84 -15.39
N LYS A 210 10.54 0.57 -14.27
CA LYS A 210 9.66 1.56 -13.66
C LYS A 210 9.88 1.87 -12.18
N VAL A 211 9.38 3.05 -11.78
CA VAL A 211 9.31 3.53 -10.40
C VAL A 211 7.83 3.72 -10.10
N TYR A 212 7.29 2.93 -9.17
CA TYR A 212 5.85 2.96 -8.90
C TYR A 212 5.39 4.17 -8.10
N ASN A 213 6.23 4.63 -7.18
CA ASN A 213 5.97 5.84 -6.39
C ASN A 213 5.77 7.03 -7.33
N PRO A 214 4.60 7.70 -7.23
CA PRO A 214 4.33 8.87 -8.09
C PRO A 214 5.27 10.05 -7.85
N GLU A 215 5.80 10.19 -6.64
CA GLU A 215 6.82 11.21 -6.36
C GLU A 215 8.15 10.90 -7.06
N GLY A 216 8.31 9.66 -7.54
CA GLY A 216 9.54 9.21 -8.16
C GLY A 216 10.72 9.18 -7.19
N LEU A 217 11.93 9.18 -7.74
CA LEU A 217 13.17 9.21 -6.95
C LEU A 217 13.62 10.62 -6.62
N ARG A 218 14.01 10.84 -5.36
CA ARG A 218 14.60 12.13 -4.93
C ARG A 218 15.97 12.37 -5.59
N TYR A 219 16.73 11.31 -5.79
CA TYR A 219 17.98 11.37 -6.54
C TYR A 219 18.03 10.17 -7.49
N GLU A 220 18.75 10.30 -8.60
CA GLU A 220 18.85 9.20 -9.58
C GLU A 220 19.50 7.97 -8.97
N ASN A 221 20.38 8.19 -8.00
CA ASN A 221 21.04 7.11 -7.27
C ASN A 221 20.50 6.91 -5.85
N GLU A 222 19.25 7.29 -5.60
CA GLU A 222 18.68 7.21 -4.25
C GLU A 222 18.89 5.85 -3.58
N PRO A 223 18.67 4.72 -4.30
CA PRO A 223 18.88 3.42 -3.67
C PRO A 223 20.30 3.16 -3.18
N VAL A 224 21.30 3.61 -3.94
CA VAL A 224 22.71 3.48 -3.59
C VAL A 224 23.08 4.36 -2.37
N ARG A 225 22.53 5.57 -2.31
CA ARG A 225 22.67 6.42 -1.12
C ARG A 225 22.06 5.75 0.11
N HIS A 226 20.93 5.06 -0.07
CA HIS A 226 20.31 4.36 1.04
C HIS A 226 21.16 3.21 1.55
N LYS A 227 21.81 2.51 0.63
CA LYS A 227 22.72 1.43 1.00
C LYS A 227 23.92 1.93 1.80
N VAL A 228 24.43 3.11 1.46
CA VAL A 228 25.49 3.74 2.26
C VAL A 228 24.98 4.04 3.68
N PHE A 229 23.80 4.63 3.75
CA PHE A 229 23.11 4.94 4.99
C PHE A 229 22.91 3.69 5.89
N ASP A 230 22.49 2.57 5.29
CA ASP A 230 22.36 1.27 5.98
C ASP A 230 23.72 0.79 6.54
N LEU A 231 24.78 0.86 5.74
CA LEU A 231 26.10 0.40 6.19
C LEU A 231 26.62 1.17 7.41
N ILE A 232 26.39 2.49 7.41
CA ILE A 232 26.78 3.32 8.54
C ILE A 232 26.02 2.93 9.83
N GLY A 233 24.76 2.53 9.68
CA GLY A 233 23.97 1.97 10.78
C GLY A 233 24.54 0.68 11.33
N ASP A 234 24.80 -0.28 10.43
CA ASP A 234 25.43 -1.54 10.84
C ASP A 234 26.83 -1.37 11.46
N LEU A 235 27.60 -0.39 10.98
CA LEU A 235 28.94 -0.13 11.52
C LEU A 235 28.93 0.27 13.00
N TYR A 236 27.84 0.89 13.44
CA TYR A 236 27.71 1.34 14.82
C TYR A 236 27.58 0.17 15.81
N LEU A 237 27.29 -1.02 15.29
CA LEU A 237 27.30 -2.24 16.08
C LEU A 237 28.72 -2.63 16.54
N LEU A 238 29.74 -1.90 16.08
CA LEU A 238 31.10 -2.06 16.64
C LEU A 238 31.18 -1.47 18.05
N GLY A 239 30.14 -0.75 18.45
CA GLY A 239 30.01 -0.30 19.83
C GLY A 239 30.47 1.11 20.12
N SER A 240 31.18 1.73 19.17
CA SER A 240 31.64 3.14 19.22
C SER A 240 31.56 3.72 17.83
N PRO A 241 31.59 5.07 17.70
CA PRO A 241 31.72 5.65 16.36
C PRO A 241 33.01 5.19 15.68
N VAL A 242 33.00 5.10 14.36
CA VAL A 242 34.03 4.35 13.62
C VAL A 242 34.86 5.30 12.77
N LYS A 243 36.16 5.02 12.70
CA LYS A 243 37.07 5.73 11.80
C LYS A 243 37.67 4.70 10.85
N GLY A 244 37.34 4.83 9.57
CA GLY A 244 37.82 3.92 8.54
C GLY A 244 37.27 4.28 7.17
N LYS A 245 37.92 3.74 6.14
CA LYS A 245 37.47 3.86 4.77
C LYS A 245 36.88 2.52 4.32
N PHE A 246 35.64 2.56 3.87
CA PHE A 246 34.90 1.34 3.53
C PHE A 246 34.44 1.38 2.06
N TYR A 247 34.60 0.25 1.37
CA TYR A 247 34.03 0.08 0.03
C TYR A 247 33.16 -1.15 0.01
N SER A 248 31.91 -0.99 -0.41
CA SER A 248 30.98 -2.11 -0.49
C SER A 248 30.49 -2.31 -1.93
N PHE A 249 30.68 -3.52 -2.44
CA PHE A 249 30.17 -3.91 -3.77
C PHE A 249 29.00 -4.88 -3.54
N ARG A 250 27.79 -4.39 -3.78
CA ARG A 250 26.57 -5.18 -3.68
C ARG A 250 26.26 -5.71 -2.26
N GLY A 251 26.80 -5.07 -1.23
CA GLY A 251 26.59 -5.54 0.14
C GLY A 251 25.15 -5.36 0.62
N GLY A 252 24.84 -6.01 1.72
CA GLY A 252 23.55 -5.86 2.40
C GLY A 252 23.82 -6.08 3.88
N HIS A 253 22.77 -6.09 4.70
CA HIS A 253 22.89 -6.28 6.15
C HIS A 253 23.71 -7.50 6.57
N SER A 254 23.51 -8.64 5.92
CA SER A 254 24.24 -9.86 6.30
C SER A 254 25.75 -9.70 6.17
N LEU A 255 26.19 -9.20 5.02
CA LEU A 255 27.62 -8.96 4.81
C LEU A 255 28.16 -7.84 5.70
N ASN A 256 27.37 -6.78 5.92
CA ASN A 256 27.78 -5.70 6.84
C ASN A 256 28.08 -6.23 8.24
N VAL A 257 27.18 -7.06 8.76
CA VAL A 257 27.33 -7.64 10.09
C VAL A 257 28.51 -8.62 10.15
N LYS A 258 28.73 -9.33 9.05
CA LYS A 258 29.87 -10.24 8.92
C LYS A 258 31.21 -9.49 8.97
N LEU A 259 31.30 -8.34 8.30
CA LEU A 259 32.49 -7.49 8.39
C LEU A 259 32.70 -6.96 9.82
N VAL A 260 31.65 -6.43 10.42
CA VAL A 260 31.68 -5.96 11.81
C VAL A 260 32.22 -7.02 12.76
N LYS A 261 31.72 -8.25 12.64
CA LYS A 261 32.17 -9.36 13.49
C LYS A 261 33.65 -9.72 13.29
N GLU A 262 34.11 -9.73 12.04
CA GLU A 262 35.54 -9.94 11.75
C GLU A 262 36.43 -8.80 12.25
N LEU A 263 35.99 -7.56 12.13
CA LEU A 263 36.72 -6.40 12.65
C LEU A 263 36.80 -6.42 14.18
N ALA A 264 35.70 -6.82 14.82
CA ALA A 264 35.66 -6.92 16.27
C ALA A 264 36.63 -7.96 16.82
N LYS A 265 36.67 -9.16 16.23
CA LYS A 265 37.52 -10.22 16.80
C LYS A 265 39.02 -10.02 16.52
N LYS A 266 39.35 -9.44 15.37
CA LYS A 266 40.69 -8.94 15.11
C LYS A 266 41.13 -7.96 16.19
N GLN A 267 40.16 -7.23 16.72
CA GLN A 267 40.31 -6.24 17.79
C GLN A 267 41.07 -5.01 17.35
N LYS A 268 40.32 -4.05 16.80
CA LYS A 268 40.84 -2.71 16.56
C LYS A 268 40.70 -1.79 17.79
N GLY B 2 -41.22 -9.33 -7.48
CA GLY B 2 -41.06 -9.07 -6.02
C GLY B 2 -41.58 -7.71 -5.61
N LEU B 3 -41.68 -7.52 -4.31
CA LEU B 3 -42.16 -6.27 -3.72
C LEU B 3 -41.03 -5.24 -3.64
N GLU B 4 -41.38 -3.96 -3.71
CA GLU B 4 -40.43 -2.89 -3.43
C GLU B 4 -39.88 -3.05 -2.02
N LYS B 5 -38.61 -2.68 -1.83
CA LYS B 5 -37.91 -2.90 -0.58
C LYS B 5 -37.11 -1.69 -0.14
N THR B 6 -37.02 -1.53 1.17
CA THR B 6 -36.13 -0.56 1.78
C THR B 6 -35.30 -1.30 2.86
N VAL B 7 -34.59 -0.55 3.70
CA VAL B 7 -33.88 -1.13 4.85
C VAL B 7 -34.70 -0.93 6.12
N LYS B 8 -34.55 -1.84 7.08
CA LYS B 8 -35.30 -1.78 8.33
C LYS B 8 -34.83 -0.65 9.23
N GLU B 9 -33.52 -0.44 9.23
CA GLU B 9 -32.88 0.63 9.99
C GLU B 9 -31.69 1.17 9.20
N LYS B 10 -31.26 2.39 9.52
CA LYS B 10 -30.12 2.99 8.83
C LYS B 10 -28.85 2.15 8.98
N LEU B 11 -28.09 2.02 7.89
CA LEU B 11 -26.84 1.28 7.90
C LEU B 11 -25.69 2.19 7.49
N SER B 12 -24.59 2.12 8.21
CA SER B 12 -23.44 2.94 7.84
C SER B 12 -22.14 2.15 7.60
N PHE B 13 -21.32 2.70 6.72
CA PHE B 13 -20.07 2.09 6.30
C PHE B 13 -19.04 3.20 6.16
N GLU B 14 -17.82 2.95 6.63
CA GLU B 14 -16.79 3.96 6.48
C GLU B 14 -15.43 3.38 6.09
N GLY B 15 -14.60 4.21 5.47
CA GLY B 15 -13.26 3.82 5.09
C GLY B 15 -12.66 4.85 4.16
N VAL B 16 -11.66 4.42 3.39
CA VAL B 16 -10.97 5.29 2.42
C VAL B 16 -11.59 5.10 1.03
N GLY B 17 -11.60 6.16 0.24
CA GLY B 17 -11.92 6.08 -1.18
C GLY B 17 -10.69 5.63 -1.95
N ILE B 18 -10.89 4.71 -2.91
CA ILE B 18 -9.76 4.07 -3.61
C ILE B 18 -9.04 5.08 -4.48
N HIS B 19 -9.80 6.01 -5.05
CA HIS B 19 -9.26 7.03 -5.91
C HIS B 19 -8.77 8.28 -5.18
N THR B 20 -9.57 8.78 -4.23
CA THR B 20 -9.26 10.03 -3.56
C THR B 20 -8.25 9.83 -2.45
N GLY B 21 -8.21 8.63 -1.87
CA GLY B 21 -7.40 8.40 -0.68
C GLY B 21 -7.86 9.14 0.58
N GLU B 22 -9.04 9.77 0.53
CA GLU B 22 -9.63 10.48 1.68
C GLU B 22 -10.61 9.57 2.43
N TYR B 23 -10.75 9.77 3.73
CA TYR B 23 -11.85 9.19 4.52
C TYR B 23 -13.19 9.46 3.86
N SER B 24 -14.04 8.44 3.83
CA SER B 24 -15.42 8.63 3.45
C SER B 24 -16.37 7.73 4.22
N LYS B 25 -17.63 8.11 4.22
CA LYS B 25 -18.64 7.41 4.98
C LYS B 25 -19.99 7.45 4.28
N LEU B 26 -20.69 6.34 4.40
CA LEU B 26 -21.98 6.12 3.79
C LEU B 26 -23.01 5.93 4.89
N ILE B 27 -24.18 6.56 4.77
CA ILE B 27 -25.32 6.22 5.65
C ILE B 27 -26.56 5.97 4.82
N ILE B 28 -27.01 4.72 4.83
CA ILE B 28 -28.21 4.30 4.08
C ILE B 28 -29.48 4.48 4.93
N HIS B 29 -30.35 5.39 4.49
CA HIS B 29 -31.61 5.67 5.19
C HIS B 29 -32.81 5.09 4.44
N PRO B 30 -33.77 4.55 5.19
CA PRO B 30 -35.03 4.03 4.61
C PRO B 30 -35.88 5.13 3.96
N GLU B 31 -36.66 4.76 2.95
CA GLU B 31 -37.55 5.70 2.28
C GLU B 31 -38.84 4.99 1.87
N LYS B 32 -39.92 5.75 1.68
CA LYS B 32 -41.20 5.14 1.31
C LYS B 32 -41.28 4.74 -0.16
N GLU B 33 -42.31 3.97 -0.51
CA GLU B 33 -42.51 3.45 -1.86
C GLU B 33 -42.48 4.56 -2.91
N GLY B 34 -41.91 4.25 -4.06
CA GLY B 34 -41.85 5.19 -5.18
C GLY B 34 -40.77 6.27 -5.10
N THR B 35 -39.93 6.22 -4.07
CA THR B 35 -38.81 7.17 -3.91
C THR B 35 -37.65 6.89 -4.86
N GLY B 36 -37.23 5.64 -4.97
CA GLY B 36 -36.06 5.29 -5.79
C GLY B 36 -34.75 5.38 -5.01
N ILE B 37 -33.63 5.13 -5.70
CA ILE B 37 -32.32 5.26 -5.07
C ILE B 37 -31.78 6.65 -5.40
N ARG B 38 -31.33 7.36 -4.37
CA ARG B 38 -30.74 8.69 -4.51
C ARG B 38 -29.58 8.85 -3.53
N PHE B 39 -28.53 9.53 -3.98
CA PHE B 39 -27.45 9.92 -3.07
C PHE B 39 -27.74 11.32 -2.55
N PHE B 40 -27.21 11.64 -1.36
CA PHE B 40 -27.32 13.00 -0.83
C PHE B 40 -25.92 13.43 -0.42
N LYS B 41 -25.50 14.60 -0.91
CA LYS B 41 -24.18 15.15 -0.60
C LYS B 41 -24.24 16.68 -0.51
N ASN B 42 -23.71 17.24 0.59
CA ASN B 42 -23.65 18.69 0.79
C ASN B 42 -24.93 19.42 0.39
N GLY B 43 -26.07 18.90 0.82
CA GLY B 43 -27.37 19.55 0.52
C GLY B 43 -28.04 19.18 -0.79
N VAL B 44 -27.39 18.36 -1.62
CA VAL B 44 -27.91 18.06 -2.96
C VAL B 44 -28.28 16.58 -3.13
N TYR B 45 -29.45 16.31 -3.69
CA TYR B 45 -29.87 14.94 -4.03
C TYR B 45 -29.44 14.55 -5.44
N ILE B 46 -28.71 13.46 -5.53
CA ILE B 46 -28.24 12.96 -6.82
C ILE B 46 -28.89 11.59 -7.03
N PRO B 47 -29.90 11.51 -7.93
CA PRO B 47 -30.52 10.21 -8.25
C PRO B 47 -29.53 9.23 -8.88
N ALA B 48 -29.64 7.96 -8.51
CA ALA B 48 -28.78 6.92 -9.06
C ALA B 48 -29.27 6.51 -10.45
N ARG B 49 -29.13 7.43 -11.40
CA ARG B 49 -29.61 7.26 -12.77
C ARG B 49 -28.55 7.72 -13.79
N HIS B 50 -28.67 7.21 -15.01
CA HIS B 50 -27.66 7.42 -16.05
C HIS B 50 -27.50 8.88 -16.50
N GLU B 51 -28.56 9.68 -16.35
CA GLU B 51 -28.51 11.11 -16.72
C GLU B 51 -27.46 11.88 -15.92
N PHE B 52 -27.09 11.34 -14.77
CA PHE B 52 -26.23 12.02 -13.81
C PHE B 52 -24.78 11.54 -13.85
N VAL B 53 -24.48 10.65 -14.79
CA VAL B 53 -23.11 10.13 -14.95
C VAL B 53 -22.20 11.22 -15.53
N VAL B 54 -21.05 11.46 -14.89
CA VAL B 54 -20.14 12.52 -15.30
C VAL B 54 -18.74 12.04 -15.69
N HIS B 55 -18.42 10.78 -15.37
CA HIS B 55 -17.11 10.20 -15.60
C HIS B 55 -17.22 8.66 -15.53
N THR B 56 -16.57 7.96 -16.47
CA THR B 56 -16.59 6.50 -16.49
C THR B 56 -15.23 5.82 -16.69
N ASN B 57 -14.14 6.58 -16.65
CA ASN B 57 -12.84 6.01 -17.05
C ASN B 57 -12.28 4.93 -16.11
N HIS B 58 -12.19 5.24 -14.82
CA HIS B 58 -11.68 4.26 -13.84
C HIS B 58 -12.65 4.04 -12.65
N SER B 59 -13.90 4.43 -12.87
CA SER B 59 -15.00 4.28 -11.90
C SER B 59 -16.22 4.87 -12.56
N THR B 60 -17.39 4.61 -11.98
CA THR B 60 -18.61 5.27 -12.42
C THR B 60 -18.91 6.39 -11.41
N ASP B 61 -18.87 7.63 -11.91
CA ASP B 61 -19.05 8.80 -11.06
C ASP B 61 -20.34 9.55 -11.40
N LEU B 62 -21.07 9.95 -10.37
CA LEU B 62 -22.29 10.75 -10.55
C LEU B 62 -22.10 12.20 -10.11
N GLY B 63 -22.88 13.09 -10.72
CA GLY B 63 -22.85 14.51 -10.35
C GLY B 63 -24.14 15.25 -10.64
N PHE B 64 -24.50 16.15 -9.72
CA PHE B 64 -25.60 17.09 -9.94
C PHE B 64 -25.33 18.41 -9.21
N LYS B 65 -25.62 19.53 -9.89
CA LYS B 65 -25.54 20.88 -9.29
C LYS B 65 -24.20 21.19 -8.60
N GLY B 66 -23.09 20.77 -9.20
CA GLY B 66 -21.76 21.01 -8.62
C GLY B 66 -21.34 20.07 -7.51
N GLN B 67 -22.14 19.03 -7.24
CA GLN B 67 -21.76 17.99 -6.29
C GLN B 67 -21.52 16.67 -7.00
N ARG B 68 -20.39 16.03 -6.72
CA ARG B 68 -19.98 14.81 -7.43
C ARG B 68 -19.66 13.71 -6.44
N ILE B 69 -19.97 12.48 -6.83
CA ILE B 69 -19.61 11.31 -6.02
C ILE B 69 -18.94 10.26 -6.91
N LYS B 70 -17.76 9.83 -6.51
CA LYS B 70 -17.00 8.85 -7.25
C LYS B 70 -17.29 7.42 -6.77
N THR B 71 -17.23 6.48 -7.71
CA THR B 71 -17.16 5.03 -7.45
C THR B 71 -18.43 4.47 -6.83
N VAL B 72 -19.56 4.64 -7.52
CA VAL B 72 -20.86 4.18 -7.02
C VAL B 72 -21.17 2.73 -7.46
N GLU B 73 -20.32 2.15 -8.30
CA GLU B 73 -20.64 0.86 -8.93
C GLU B 73 -20.90 -0.32 -7.97
N HIS B 74 -20.21 -0.36 -6.84
CA HIS B 74 -20.26 -1.53 -5.96
C HIS B 74 -21.46 -1.51 -5.00
N ILE B 75 -21.70 -0.37 -4.36
CA ILE B 75 -22.93 -0.19 -3.59
C ILE B 75 -24.17 -0.38 -4.50
N LEU B 76 -24.16 0.19 -5.70
CA LEU B 76 -25.31 0.02 -6.59
C LEU B 76 -25.54 -1.43 -7.03
N SER B 77 -24.46 -2.18 -7.19
CA SER B 77 -24.56 -3.58 -7.59
C SER B 77 -25.25 -4.39 -6.51
N VAL B 78 -24.81 -4.19 -5.26
CA VAL B 78 -25.41 -4.86 -4.11
C VAL B 78 -26.90 -4.52 -3.95
N LEU B 79 -27.26 -3.25 -4.12
CA LEU B 79 -28.66 -2.82 -4.06
C LEU B 79 -29.48 -3.50 -5.18
N HIS B 80 -28.92 -3.54 -6.39
CA HIS B 80 -29.56 -4.22 -7.52
C HIS B 80 -29.79 -5.70 -7.22
N LEU B 81 -28.75 -6.37 -6.72
CA LEU B 81 -28.81 -7.79 -6.41
C LEU B 81 -29.81 -8.16 -5.33
N LEU B 82 -29.95 -7.27 -4.34
CA LEU B 82 -30.88 -7.48 -3.23
C LEU B 82 -32.23 -6.84 -3.52
N GLU B 83 -32.37 -6.20 -4.68
CA GLU B 83 -33.60 -5.48 -5.06
C GLU B 83 -34.05 -4.43 -4.02
N ILE B 84 -33.10 -3.73 -3.41
CA ILE B 84 -33.42 -2.54 -2.62
C ILE B 84 -33.77 -1.46 -3.62
N THR B 85 -35.00 -0.94 -3.52
CA THR B 85 -35.51 0.02 -4.50
C THR B 85 -35.69 1.45 -3.97
N ASN B 86 -35.83 1.61 -2.65
CA ASN B 86 -36.08 2.95 -2.06
C ASN B 86 -35.16 3.24 -0.89
N VAL B 87 -34.14 4.07 -1.10
CA VAL B 87 -33.24 4.53 -0.02
C VAL B 87 -32.62 5.88 -0.33
N THR B 88 -32.24 6.60 0.73
CA THR B 88 -31.39 7.76 0.58
C THR B 88 -30.01 7.37 1.10
N ILE B 89 -29.00 7.62 0.28
CA ILE B 89 -27.62 7.32 0.65
C ILE B 89 -26.85 8.62 0.90
N GLU B 90 -26.74 9.01 2.17
CA GLU B 90 -25.96 10.17 2.57
C GLU B 90 -24.48 9.90 2.39
N VAL B 91 -23.78 10.82 1.73
CA VAL B 91 -22.34 10.63 1.48
C VAL B 91 -21.52 11.70 2.20
N ILE B 92 -20.63 11.24 3.08
CA ILE B 92 -19.61 12.10 3.69
C ILE B 92 -18.29 11.88 2.91
N GLY B 93 -17.77 12.93 2.29
CA GLY B 93 -16.61 12.81 1.41
C GLY B 93 -17.00 12.82 -0.05
N ASN B 94 -16.05 12.48 -0.92
CA ASN B 94 -16.24 12.68 -2.36
C ASN B 94 -16.37 11.38 -3.13
N GLU B 95 -16.35 10.28 -2.39
CA GLU B 95 -16.27 8.96 -2.96
C GLU B 95 -16.86 7.95 -1.98
N ILE B 96 -17.47 6.90 -2.53
CA ILE B 96 -17.95 5.77 -1.75
C ILE B 96 -16.73 4.99 -1.22
N PRO B 97 -16.71 4.67 0.10
CA PRO B 97 -15.60 3.88 0.66
C PRO B 97 -15.42 2.55 -0.10
N ILE B 98 -14.17 2.20 -0.41
CA ILE B 98 -13.90 0.98 -1.19
C ILE B 98 -13.95 -0.30 -0.35
N LEU B 99 -13.65 -0.17 0.95
CA LEU B 99 -13.57 -1.30 1.87
C LEU B 99 -12.53 -2.33 1.36
N ASP B 100 -12.89 -3.60 1.18
CA ASP B 100 -11.94 -4.58 0.65
C ASP B 100 -11.93 -4.71 -0.88
N GLY B 101 -12.63 -3.82 -1.57
CA GLY B 101 -12.71 -3.87 -3.04
C GLY B 101 -13.84 -4.74 -3.61
N SER B 102 -14.59 -5.42 -2.74
CA SER B 102 -15.75 -6.23 -3.18
C SER B 102 -17.06 -5.65 -2.63
N GLY B 103 -18.17 -6.36 -2.84
CA GLY B 103 -19.46 -5.93 -2.28
C GLY B 103 -19.83 -6.64 -0.98
N TRP B 104 -18.90 -7.42 -0.43
CA TRP B 104 -19.21 -8.37 0.66
C TRP B 104 -19.76 -7.73 1.94
N GLU B 105 -19.06 -6.71 2.44
CA GLU B 105 -19.49 -5.99 3.63
C GLU B 105 -20.86 -5.33 3.41
N PHE B 106 -21.04 -4.65 2.27
CA PHE B 106 -22.34 -4.09 1.89
C PHE B 106 -23.44 -5.18 1.87
N TYR B 107 -23.15 -6.30 1.22
CA TYR B 107 -24.12 -7.37 1.01
C TYR B 107 -24.59 -8.00 2.32
N GLU B 108 -23.66 -8.43 3.16
CA GLU B 108 -23.98 -9.08 4.43
C GLU B 108 -24.85 -8.21 5.34
N ALA B 109 -24.55 -6.91 5.39
CA ALA B 109 -25.25 -5.97 6.25
C ALA B 109 -26.65 -5.67 5.77
N ILE B 110 -26.80 -5.37 4.47
CA ILE B 110 -28.08 -5.00 3.89
C ILE B 110 -29.05 -6.20 3.86
N ARG B 111 -28.50 -7.37 3.49
CA ARG B 111 -29.24 -8.64 3.42
C ARG B 111 -30.01 -8.94 4.72
N LYS B 112 -29.37 -8.66 5.85
CA LYS B 112 -29.93 -8.93 7.17
C LYS B 112 -30.95 -7.87 7.64
N ASN B 113 -31.12 -6.83 6.85
CA ASN B 113 -31.85 -5.65 7.27
C ASN B 113 -32.85 -5.17 6.22
N ILE B 114 -33.39 -6.11 5.45
CA ILE B 114 -34.37 -5.78 4.40
C ILE B 114 -35.77 -5.57 5.00
N LEU B 115 -36.53 -4.64 4.42
CA LEU B 115 -37.93 -4.43 4.75
C LEU B 115 -38.77 -4.40 3.49
N ASN B 116 -39.68 -5.37 3.36
CA ASN B 116 -40.59 -5.40 2.21
C ASN B 116 -41.62 -4.29 2.32
N GLN B 117 -42.01 -3.73 1.18
CA GLN B 117 -42.97 -2.63 1.15
C GLN B 117 -44.21 -3.05 0.36
N ASN B 118 -45.21 -2.18 0.31
CA ASN B 118 -46.54 -2.58 -0.17
C ASN B 118 -46.82 -2.25 -1.63
N ARG B 119 -45.81 -2.44 -2.47
CA ARG B 119 -45.90 -2.11 -3.86
C ARG B 119 -45.06 -3.08 -4.67
N GLU B 120 -45.62 -3.57 -5.77
CA GLU B 120 -44.91 -4.40 -6.73
C GLU B 120 -43.80 -3.60 -7.45
N ILE B 121 -42.67 -4.26 -7.71
CA ILE B 121 -41.59 -3.65 -8.50
C ILE B 121 -41.97 -3.59 -9.99
N ASP B 122 -41.78 -2.42 -10.59
CA ASP B 122 -41.86 -2.29 -12.04
C ASP B 122 -40.45 -2.37 -12.62
N TYR B 123 -40.10 -3.53 -13.17
CA TYR B 123 -38.77 -3.81 -13.69
C TYR B 123 -38.49 -3.12 -15.02
N PHE B 124 -37.23 -2.78 -15.27
CA PHE B 124 -36.81 -2.44 -16.62
C PHE B 124 -36.63 -3.75 -17.38
N VAL B 125 -37.49 -3.97 -18.36
CA VAL B 125 -37.49 -5.23 -19.12
C VAL B 125 -36.96 -4.96 -20.52
N VAL B 126 -35.80 -5.54 -20.81
CA VAL B 126 -35.22 -5.52 -22.15
C VAL B 126 -36.20 -6.20 -23.12
N GLU B 127 -36.58 -5.46 -24.17
CA GLU B 127 -37.68 -5.83 -25.06
C GLU B 127 -37.20 -6.46 -26.37
N GLU B 128 -36.05 -6.00 -26.87
CA GLU B 128 -35.48 -6.52 -28.10
C GLU B 128 -33.94 -6.53 -28.03
N PRO B 129 -33.29 -7.37 -28.87
CA PRO B 129 -31.83 -7.40 -28.92
C PRO B 129 -31.20 -6.04 -29.22
N ILE B 130 -30.02 -5.80 -28.64
CA ILE B 130 -29.21 -4.63 -28.93
C ILE B 130 -27.73 -5.01 -28.75
N ILE B 131 -26.87 -4.39 -29.55
CA ILE B 131 -25.42 -4.56 -29.44
C ILE B 131 -24.78 -3.17 -29.44
N VAL B 132 -23.90 -2.92 -28.47
CA VAL B 132 -23.04 -1.72 -28.50
C VAL B 132 -21.56 -2.14 -28.55
N GLU B 133 -20.75 -1.32 -29.23
CA GLU B 133 -19.35 -1.62 -29.49
C GLU B 133 -18.44 -0.41 -29.34
N ASP B 134 -17.18 -0.69 -29.00
CA ASP B 134 -16.13 0.31 -28.99
C ASP B 134 -14.80 -0.43 -29.09
N GLU B 135 -14.00 -0.08 -30.11
CA GLU B 135 -12.73 -0.77 -30.44
C GLU B 135 -12.53 -2.15 -29.81
N GLY B 136 -13.13 -3.16 -30.40
CA GLY B 136 -12.93 -4.55 -29.96
C GLY B 136 -13.44 -4.87 -28.55
N ARG B 137 -14.38 -4.08 -28.06
CA ARG B 137 -15.14 -4.41 -26.86
C ARG B 137 -16.58 -4.40 -27.32
N LEU B 138 -17.40 -5.27 -26.74
CA LEU B 138 -18.77 -5.42 -27.17
C LEU B 138 -19.67 -5.87 -26.02
N ILE B 139 -20.88 -5.32 -25.98
CA ILE B 139 -21.91 -5.84 -25.08
C ILE B 139 -23.21 -6.06 -25.85
N LYS B 140 -23.83 -7.22 -25.62
CA LYS B 140 -25.13 -7.57 -26.20
C LYS B 140 -26.15 -7.79 -25.11
N ALA B 141 -27.33 -7.23 -25.31
CA ALA B 141 -28.47 -7.43 -24.42
C ALA B 141 -29.64 -8.04 -25.20
N GLU B 142 -30.38 -8.92 -24.55
CA GLU B 142 -31.59 -9.48 -25.16
C GLU B 142 -32.62 -9.82 -24.08
N PRO B 143 -33.90 -10.00 -24.48
CA PRO B 143 -34.96 -10.32 -23.51
C PRO B 143 -34.75 -11.60 -22.72
N SER B 144 -35.20 -11.56 -21.46
CA SER B 144 -35.14 -12.69 -20.54
C SER B 144 -36.05 -12.36 -19.36
N ASP B 145 -36.61 -13.41 -18.75
CA ASP B 145 -37.47 -13.30 -17.58
C ASP B 145 -36.67 -13.06 -16.30
N THR B 146 -35.39 -13.40 -16.35
CA THR B 146 -34.49 -13.30 -15.20
C THR B 146 -33.24 -12.53 -15.60
N LEU B 147 -32.57 -11.91 -14.64
CA LEU B 147 -31.29 -11.28 -14.91
C LEU B 147 -30.17 -12.31 -15.07
N GLU B 148 -29.56 -12.32 -16.25
CA GLU B 148 -28.41 -13.18 -16.52
C GLU B 148 -27.32 -12.33 -17.16
N VAL B 149 -26.11 -12.45 -16.63
CA VAL B 149 -24.98 -11.62 -17.07
C VAL B 149 -23.74 -12.49 -17.27
N THR B 150 -23.23 -12.50 -18.50
CA THR B 150 -22.00 -13.19 -18.85
C THR B 150 -20.92 -12.17 -19.21
N TYR B 151 -19.74 -12.31 -18.61
CA TYR B 151 -18.57 -11.53 -19.01
C TYR B 151 -17.49 -12.46 -19.57
N GLU B 152 -17.03 -12.19 -20.77
CA GLU B 152 -15.89 -12.89 -21.30
C GLU B 152 -14.70 -11.94 -21.39
N GLY B 153 -13.61 -12.32 -20.72
CA GLY B 153 -12.40 -11.53 -20.73
C GLY B 153 -11.36 -12.07 -21.70
N GLU B 154 -10.45 -11.20 -22.13
CA GLU B 154 -9.31 -11.60 -22.95
C GLU B 154 -8.12 -10.79 -22.47
N PHE B 155 -7.35 -11.36 -21.56
CA PHE B 155 -6.29 -10.60 -20.89
C PHE B 155 -4.89 -10.84 -21.46
N LYS B 156 -4.03 -9.83 -21.34
CA LYS B 156 -2.65 -9.88 -21.83
C LYS B 156 -1.71 -10.54 -20.84
N ASN B 157 -2.23 -11.00 -19.71
CA ASN B 157 -1.41 -11.70 -18.75
C ASN B 157 -1.82 -13.18 -18.64
N PHE B 158 -1.36 -13.85 -17.59
CA PHE B 158 -1.67 -15.25 -17.35
C PHE B 158 -3.17 -15.60 -17.35
N LEU B 159 -4.03 -14.61 -17.08
CA LEU B 159 -5.48 -14.82 -17.04
C LEU B 159 -6.04 -15.36 -18.37
N GLY B 160 -5.42 -14.95 -19.47
CA GLY B 160 -5.82 -15.35 -20.83
C GLY B 160 -7.27 -15.05 -21.14
N ARG B 161 -7.92 -15.97 -21.84
CA ARG B 161 -9.33 -15.80 -22.21
C ARG B 161 -10.21 -16.64 -21.30
N GLN B 162 -11.10 -15.97 -20.55
CA GLN B 162 -11.95 -16.60 -19.52
C GLN B 162 -13.34 -16.00 -19.47
N LYS B 163 -14.28 -16.80 -18.97
CA LYS B 163 -15.70 -16.54 -19.09
C LYS B 163 -16.35 -16.83 -17.74
N PHE B 164 -17.32 -16.02 -17.33
CA PHE B 164 -18.13 -16.32 -16.14
C PHE B 164 -19.58 -15.83 -16.30
N THR B 165 -20.53 -16.66 -15.88
CA THR B 165 -21.97 -16.32 -15.98
C THR B 165 -22.65 -16.26 -14.62
N PHE B 166 -23.27 -15.11 -14.34
CA PHE B 166 -24.17 -14.95 -13.21
C PHE B 166 -25.61 -15.23 -13.62
N VAL B 167 -26.31 -16.01 -12.80
CA VAL B 167 -27.77 -16.12 -12.92
C VAL B 167 -28.39 -15.87 -11.55
N GLU B 168 -29.61 -15.35 -11.54
CA GLU B 168 -30.37 -15.11 -10.31
C GLU B 168 -30.27 -16.28 -9.35
N GLY B 169 -30.02 -15.96 -8.07
CA GLY B 169 -29.79 -16.99 -7.06
C GLY B 169 -28.32 -17.24 -6.76
N ASN B 170 -27.42 -16.79 -7.64
CA ASN B 170 -25.99 -17.02 -7.46
C ASN B 170 -25.21 -15.76 -7.01
N GLU B 171 -25.88 -14.88 -6.27
CA GLU B 171 -25.30 -13.63 -5.75
C GLU B 171 -24.03 -13.83 -4.94
N GLU B 172 -23.99 -14.89 -4.13
CA GLU B 172 -22.83 -15.24 -3.29
C GLU B 172 -21.52 -15.44 -4.08
N GLU B 173 -21.67 -15.81 -5.35
CA GLU B 173 -20.53 -16.13 -6.20
C GLU B 173 -19.80 -14.91 -6.77
N ILE B 174 -20.41 -13.71 -6.69
CA ILE B 174 -19.78 -12.49 -7.20
C ILE B 174 -19.57 -11.35 -6.20
N VAL B 175 -20.28 -11.36 -5.08
CA VAL B 175 -20.15 -10.28 -4.08
C VAL B 175 -18.82 -10.29 -3.30
N LEU B 176 -18.07 -11.39 -3.38
CA LEU B 176 -16.74 -11.48 -2.77
C LEU B 176 -15.60 -11.12 -3.74
N ALA B 177 -15.90 -11.03 -5.03
CA ALA B 177 -14.90 -10.75 -6.04
C ALA B 177 -14.41 -9.28 -6.01
N ARG B 178 -13.11 -9.11 -5.79
CA ARG B 178 -12.53 -7.78 -5.61
C ARG B 178 -12.11 -7.10 -6.90
N THR B 179 -12.05 -5.77 -6.83
CA THR B 179 -11.53 -4.94 -7.88
C THR B 179 -10.04 -5.24 -8.11
N PHE B 180 -9.56 -5.00 -9.32
CA PHE B 180 -8.21 -5.42 -9.67
C PHE B 180 -7.53 -4.39 -10.56
N ALA B 181 -6.20 -4.43 -10.57
CA ALA B 181 -5.43 -3.60 -11.48
C ALA B 181 -4.14 -4.33 -11.89
N PHE B 182 -3.65 -4.00 -13.08
CA PHE B 182 -2.38 -4.55 -13.55
C PHE B 182 -1.23 -3.63 -13.19
N ASP B 183 -0.09 -4.21 -12.83
CA ASP B 183 1.06 -3.45 -12.35
C ASP B 183 1.55 -2.40 -13.36
N TRP B 184 1.44 -2.72 -14.64
CA TRP B 184 1.79 -1.78 -15.71
C TRP B 184 0.80 -0.60 -15.89
N GLU B 185 -0.38 -0.67 -15.27
CA GLU B 185 -1.43 0.36 -15.35
CA GLU B 185 -1.35 0.41 -15.41
C GLU B 185 -1.31 1.40 -14.25
N ILE B 186 -0.59 1.06 -13.19
CA ILE B 186 -0.51 1.90 -11.98
CA ILE B 186 -0.51 1.90 -11.98
C ILE B 186 0.06 3.29 -12.27
N GLU B 187 1.06 3.38 -13.14
CA GLU B 187 1.69 4.65 -13.44
C GLU B 187 0.67 5.63 -14.01
N HIS B 188 -0.13 5.16 -14.97
CA HIS B 188 -1.17 5.99 -15.57
C HIS B 188 -2.22 6.43 -14.54
N ILE B 189 -2.74 5.47 -13.77
CA ILE B 189 -3.77 5.77 -12.77
C ILE B 189 -3.31 6.87 -11.79
N LYS B 190 -2.09 6.75 -11.30
CA LYS B 190 -1.51 7.72 -10.36
C LYS B 190 -1.30 9.08 -11.03
N LYS B 191 -0.91 9.04 -12.30
CA LYS B 191 -0.59 10.24 -13.08
C LYS B 191 -1.82 11.10 -13.42
N VAL B 192 -3.00 10.48 -13.49
CA VAL B 192 -4.21 11.24 -13.79
C VAL B 192 -4.93 11.69 -12.53
N GLY B 193 -4.23 11.66 -11.40
CA GLY B 193 -4.80 12.04 -10.10
C GLY B 193 -5.74 11.03 -9.44
N LEU B 194 -5.60 9.75 -9.79
CA LEU B 194 -6.48 8.69 -9.26
C LEU B 194 -5.70 7.65 -8.46
N GLY B 195 -6.41 6.62 -7.98
CA GLY B 195 -5.79 5.50 -7.26
C GLY B 195 -5.04 5.84 -5.99
N LYS B 196 -5.37 6.98 -5.39
CA LYS B 196 -4.64 7.47 -4.21
C LYS B 196 -4.87 6.64 -2.93
N GLY B 197 -6.02 5.97 -2.83
CA GLY B 197 -6.28 5.07 -1.70
C GLY B 197 -6.03 3.59 -1.98
N GLY B 198 -5.47 3.27 -3.15
CA GLY B 198 -5.23 1.88 -3.53
C GLY B 198 -4.16 1.21 -2.69
N SER B 199 -4.44 -0.03 -2.28
CA SER B 199 -3.47 -0.88 -1.56
C SER B 199 -3.77 -2.35 -1.83
N LEU B 200 -2.88 -3.22 -1.34
CA LEU B 200 -3.12 -4.67 -1.43
C LEU B 200 -4.30 -5.11 -0.55
N LYS B 201 -4.77 -4.22 0.32
CA LYS B 201 -5.93 -4.50 1.19
C LYS B 201 -7.27 -4.24 0.49
N ASN B 202 -7.27 -3.49 -0.60
CA ASN B 202 -8.51 -3.23 -1.32
C ASN B 202 -8.44 -3.49 -2.84
N THR B 203 -7.27 -3.90 -3.32
CA THR B 203 -7.05 -4.09 -4.74
C THR B 203 -6.26 -5.36 -5.00
N LEU B 204 -6.72 -6.15 -5.98
CA LEU B 204 -5.99 -7.27 -6.49
CA LEU B 204 -5.97 -7.26 -6.49
C LEU B 204 -5.00 -6.73 -7.52
N VAL B 205 -3.70 -6.80 -7.21
CA VAL B 205 -2.68 -6.27 -8.13
C VAL B 205 -2.01 -7.44 -8.84
N LEU B 206 -2.16 -7.47 -10.16
CA LEU B 206 -1.67 -8.58 -10.98
C LEU B 206 -0.54 -8.12 -11.90
N GLY B 207 0.44 -8.99 -12.08
CA GLY B 207 1.48 -8.76 -13.07
C GLY B 207 1.25 -9.66 -14.27
N LYS B 208 2.21 -9.65 -15.18
CA LYS B 208 2.26 -10.55 -16.34
C LYS B 208 2.11 -12.02 -15.93
N ASP B 209 2.86 -12.42 -14.89
CA ASP B 209 2.88 -13.80 -14.40
C ASP B 209 2.53 -13.94 -12.92
N LYS B 210 2.39 -12.82 -12.21
CA LYS B 210 2.24 -12.86 -10.75
C LYS B 210 0.97 -12.23 -10.18
N VAL B 211 0.67 -12.62 -8.94
CA VAL B 211 -0.35 -12.02 -8.11
C VAL B 211 0.37 -11.49 -6.87
N TYR B 212 0.39 -10.18 -6.69
CA TYR B 212 1.19 -9.59 -5.61
C TYR B 212 0.62 -9.81 -4.21
N ASN B 213 -0.72 -9.80 -4.11
CA ASN B 213 -1.44 -10.00 -2.86
C ASN B 213 -1.04 -11.34 -2.23
N PRO B 214 -0.59 -11.30 -0.96
CA PRO B 214 -0.14 -12.55 -0.31
C PRO B 214 -1.26 -13.61 -0.18
N GLU B 215 -2.51 -13.16 -0.02
CA GLU B 215 -3.68 -14.04 0.03
C GLU B 215 -4.01 -14.70 -1.33
N GLY B 216 -3.44 -14.19 -2.42
CA GLY B 216 -3.77 -14.67 -3.77
C GLY B 216 -5.20 -14.38 -4.20
N LEU B 217 -5.63 -15.02 -5.29
CA LEU B 217 -7.02 -14.93 -5.78
C LEU B 217 -7.97 -15.83 -4.98
N ARG B 218 -9.17 -15.33 -4.71
CA ARG B 218 -10.23 -16.17 -4.09
C ARG B 218 -10.78 -17.22 -5.08
N TYR B 219 -10.81 -16.85 -6.35
CA TYR B 219 -11.22 -17.76 -7.43
C TYR B 219 -10.27 -17.54 -8.58
N GLU B 220 -10.00 -18.60 -9.35
CA GLU B 220 -9.07 -18.48 -10.48
C GLU B 220 -9.57 -17.44 -11.47
N ASN B 221 -10.87 -17.17 -11.45
CA ASN B 221 -11.43 -16.20 -12.37
C ASN B 221 -11.99 -14.97 -11.63
N GLU B 222 -11.43 -14.66 -10.46
CA GLU B 222 -11.89 -13.53 -9.66
C GLU B 222 -12.07 -12.22 -10.45
N PRO B 223 -11.08 -11.85 -11.30
CA PRO B 223 -11.27 -10.65 -12.10
C PRO B 223 -12.50 -10.62 -13.02
N VAL B 224 -12.86 -11.73 -13.68
CA VAL B 224 -14.06 -11.70 -14.54
C VAL B 224 -15.36 -11.77 -13.72
N ARG B 225 -15.32 -12.43 -12.57
CA ARG B 225 -16.44 -12.34 -11.61
C ARG B 225 -16.65 -10.89 -11.18
N HIS B 226 -15.55 -10.18 -10.89
CA HIS B 226 -15.68 -8.77 -10.52
C HIS B 226 -16.27 -7.92 -11.63
N LYS B 227 -15.91 -8.20 -12.88
CA LYS B 227 -16.48 -7.48 -14.02
C LYS B 227 -18.00 -7.67 -14.19
N VAL B 228 -18.49 -8.88 -13.89
CA VAL B 228 -19.93 -9.14 -13.84
C VAL B 228 -20.58 -8.29 -12.72
N PHE B 229 -19.94 -8.29 -11.56
CA PHE B 229 -20.37 -7.46 -10.44
C PHE B 229 -20.46 -5.97 -10.84
N ASP B 230 -19.42 -5.43 -11.45
CA ASP B 230 -19.44 -4.06 -11.99
C ASP B 230 -20.63 -3.77 -12.94
N LEU B 231 -20.85 -4.67 -13.91
CA LEU B 231 -21.91 -4.45 -14.90
C LEU B 231 -23.30 -4.41 -14.26
N ILE B 232 -23.54 -5.27 -13.29
CA ILE B 232 -24.82 -5.30 -12.57
C ILE B 232 -25.07 -3.97 -11.83
N GLY B 233 -24.00 -3.36 -11.32
CA GLY B 233 -24.06 -2.05 -10.66
C GLY B 233 -24.43 -0.96 -11.65
N ASP B 234 -23.71 -0.91 -12.77
CA ASP B 234 -23.98 0.03 -13.86
C ASP B 234 -25.38 -0.12 -14.47
N LEU B 235 -25.90 -1.34 -14.55
CA LEU B 235 -27.24 -1.57 -15.07
C LEU B 235 -28.35 -0.98 -14.21
N TYR B 236 -28.10 -0.84 -12.92
CA TYR B 236 -29.05 -0.22 -12.01
C TYR B 236 -29.26 1.28 -12.29
N LEU B 237 -28.38 1.87 -13.09
CA LEU B 237 -28.55 3.27 -13.52
C LEU B 237 -29.75 3.44 -14.48
N LEU B 238 -30.33 2.32 -14.90
CA LEU B 238 -31.61 2.34 -15.62
C LEU B 238 -32.76 2.81 -14.72
N GLY B 239 -32.56 2.75 -13.40
CA GLY B 239 -33.52 3.33 -12.46
C GLY B 239 -34.50 2.34 -11.86
N SER B 240 -34.43 1.09 -12.34
CA SER B 240 -35.24 -0.01 -11.81
C SER B 240 -34.43 -1.30 -11.88
N PRO B 241 -34.77 -2.29 -11.04
CA PRO B 241 -34.11 -3.60 -11.22
C PRO B 241 -34.36 -4.13 -12.64
N VAL B 242 -33.37 -4.82 -13.21
CA VAL B 242 -33.39 -5.13 -14.62
C VAL B 242 -33.69 -6.60 -14.90
N LYS B 243 -34.45 -6.85 -15.96
CA LYS B 243 -34.66 -8.21 -16.50
C LYS B 243 -34.16 -8.26 -17.93
N GLY B 244 -33.14 -9.07 -18.15
CA GLY B 244 -32.58 -9.25 -19.48
C GLY B 244 -31.38 -10.18 -19.44
N LYS B 245 -30.93 -10.60 -20.62
CA LYS B 245 -29.74 -11.43 -20.78
C LYS B 245 -28.62 -10.58 -21.39
N PHE B 246 -27.48 -10.54 -20.71
CA PHE B 246 -26.38 -9.67 -21.09
C PHE B 246 -25.10 -10.46 -21.35
N TYR B 247 -24.41 -10.10 -22.42
CA TYR B 247 -23.12 -10.67 -22.72
C TYR B 247 -22.13 -9.55 -22.98
N SER B 248 -21.07 -9.51 -22.16
CA SER B 248 -20.03 -8.51 -22.31
C SER B 248 -18.71 -9.18 -22.73
N PHE B 249 -18.14 -8.71 -23.83
CA PHE B 249 -16.80 -9.12 -24.23
C PHE B 249 -15.84 -7.96 -24.03
N ARG B 250 -14.94 -8.09 -23.06
CA ARG B 250 -13.97 -7.06 -22.70
C ARG B 250 -14.58 -5.70 -22.34
N GLY B 251 -15.84 -5.67 -21.92
CA GLY B 251 -16.46 -4.42 -21.48
C GLY B 251 -15.87 -3.80 -20.21
N GLY B 252 -16.17 -2.52 -20.01
CA GLY B 252 -15.81 -1.79 -18.80
C GLY B 252 -16.87 -0.73 -18.56
N HIS B 253 -16.69 0.11 -17.54
CA HIS B 253 -17.69 1.13 -17.17
C HIS B 253 -18.18 2.00 -18.33
N SER B 254 -17.27 2.49 -19.18
CA SER B 254 -17.64 3.35 -20.29
C SER B 254 -18.63 2.67 -21.23
N LEU B 255 -18.35 1.42 -21.60
CA LEU B 255 -19.24 0.66 -22.45
C LEU B 255 -20.56 0.27 -21.76
N ASN B 256 -20.49 -0.15 -20.50
CA ASN B 256 -21.70 -0.42 -19.71
C ASN B 256 -22.67 0.76 -19.73
N VAL B 257 -22.14 1.95 -19.49
CA VAL B 257 -22.95 3.18 -19.48
C VAL B 257 -23.48 3.51 -20.88
N LYS B 258 -22.64 3.32 -21.91
CA LYS B 258 -23.08 3.46 -23.30
C LYS B 258 -24.30 2.60 -23.60
N LEU B 259 -24.25 1.34 -23.17
CA LEU B 259 -25.36 0.41 -23.34
C LEU B 259 -26.61 0.87 -22.59
N VAL B 260 -26.44 1.27 -21.34
CA VAL B 260 -27.54 1.71 -20.50
C VAL B 260 -28.28 2.89 -21.14
N LYS B 261 -27.52 3.86 -21.65
CA LYS B 261 -28.10 5.05 -22.27
C LYS B 261 -28.86 4.76 -23.56
N GLU B 262 -28.41 3.76 -24.32
CA GLU B 262 -29.11 3.34 -25.55
C GLU B 262 -30.38 2.53 -25.25
N LEU B 263 -30.32 1.66 -24.25
CA LEU B 263 -31.52 0.97 -23.76
C LEU B 263 -32.59 1.96 -23.30
N ALA B 264 -32.15 2.96 -22.54
CA ALA B 264 -33.03 3.97 -21.99
C ALA B 264 -33.80 4.76 -23.07
N LYS B 265 -33.10 5.17 -24.13
CA LYS B 265 -33.75 5.96 -25.18
C LYS B 265 -34.64 5.13 -26.10
N LYS B 266 -34.22 3.89 -26.41
CA LYS B 266 -35.09 2.89 -27.03
C LYS B 266 -36.40 2.80 -26.26
N GLN B 267 -36.30 2.99 -24.94
CA GLN B 267 -37.42 3.29 -24.05
C GLN B 267 -38.13 2.05 -23.50
N LYS B 268 -37.34 1.02 -23.20
CA LYS B 268 -37.87 -0.22 -22.62
C LYS B 268 -38.16 -0.05 -21.13
ZN ZN C . 17.62 0.78 5.13
ZN ZN D . 17.46 -2.44 5.99
ZN ZN E . 14.39 -13.64 2.58
ZN ZN F . 37.86 15.18 20.46
CL CL G . 14.23 -14.58 4.60
C1 MYR H . 16.21 -4.06 3.87
O1 MYR H . 16.02 -3.91 5.09
O2 MYR H . 17.31 -4.53 3.47
C2 MYR H . 15.13 -3.68 2.89
C3 MYR H . 14.05 -4.75 2.84
C4 MYR H . 12.95 -4.35 1.85
C5 MYR H . 11.80 -3.67 2.56
C6 MYR H . 10.53 -4.49 2.42
C7 MYR H . 9.38 -3.61 1.95
C8 MYR H . 8.07 -4.39 1.90
C9 MYR H . 7.64 -4.63 0.46
C10 MYR H . 6.13 -4.49 0.35
C11 MYR H . 5.74 -3.10 -0.12
C12 MYR H . 4.75 -3.21 -1.26
C13 MYR H . 3.61 -2.23 -1.05
C14 MYR H . 3.63 -1.16 -2.13
N1 UDP I . 21.27 -6.59 -4.13
C2 UDP I . 21.97 -5.56 -3.53
N3 UDP I . 22.89 -4.83 -4.25
C4 UDP I . 23.11 -5.10 -5.58
C5 UDP I . 22.41 -6.14 -6.19
C6 UDP I . 21.51 -6.90 -5.44
O2 UDP I . 21.77 -5.30 -2.34
O4 UDP I . 23.92 -4.46 -6.23
C1' UDP I . 20.29 -7.37 -3.37
C2' UDP I . 19.03 -7.58 -4.19
O2' UDP I . 17.92 -7.06 -3.49
C3' UDP I . 18.88 -9.07 -4.34
C4' UDP I . 20.05 -9.69 -3.61
O4' UDP I . 20.83 -8.64 -3.07
O3' UDP I . 17.67 -9.49 -3.75
C5' UDP I . 20.91 -10.53 -4.54
O5' UDP I . 20.18 -10.83 -5.71
PA UDP I . 20.92 -11.42 -7.01
O1A UDP I . 22.27 -11.91 -6.64
O2A UDP I . 21.00 -10.40 -8.09
O3A UDP I . 19.99 -12.65 -7.46
PB UDP I . 19.38 -13.66 -6.36
O1B UDP I . 18.84 -14.86 -7.02
O2B UDP I . 20.43 -14.05 -5.40
O3B UDP I . 18.29 -12.95 -5.64
ZN ZN J . -15.54 -2.75 -9.51
ZN ZN K . -14.99 0.12 -11.16
ZN ZN L . -7.20 6.67 -17.62
CL CL M . -8.16 8.73 -17.35
C1 MYR N . 3.31 -3.09 -7.00
O1 MYR N . 3.82 -3.72 -6.05
O2 MYR N . 3.15 -3.70 -8.07
C2 MYR N . 2.90 -1.65 -6.85
C3 MYR N . 2.03 -1.47 -5.60
C4 MYR N . 0.96 -0.41 -5.80
C5 MYR N . -0.40 -0.94 -5.35
C6 MYR N . -1.43 0.18 -5.28
C7 MYR N . -2.40 0.11 -6.45
C8 MYR N . -2.86 1.51 -6.84
C9 MYR N . -3.86 1.48 -7.97
C10 MYR N . -5.27 1.84 -7.47
C11 MYR N . -6.29 0.78 -7.87
C12 MYR N . -7.27 1.32 -8.91
C13 MYR N . -7.88 0.19 -9.72
C14 MYR N . -8.87 0.71 -10.76
N1 UDP O . -9.48 -5.02 -20.20
C2 UDP O . -10.70 -5.49 -19.65
N3 UDP O . -11.20 -6.75 -20.03
C4 UDP O . -10.49 -7.54 -20.94
C5 UDP O . -9.29 -7.08 -21.49
C6 UDP O . -8.80 -5.84 -21.12
O2 UDP O . -11.34 -4.81 -18.84
O4 UDP O . -10.93 -8.64 -21.27
C1' UDP O . -8.96 -3.68 -19.79
C2' UDP O . -7.57 -3.78 -19.14
O2' UDP O . -7.43 -2.72 -18.19
C3' UDP O . -6.65 -3.60 -20.34
C4' UDP O . -7.39 -2.57 -21.21
O4' UDP O . -8.80 -2.72 -20.89
O3' UDP O . -5.35 -3.15 -19.94
C5' UDP O . -7.30 -2.89 -22.70
O5' UDP O . -6.03 -2.54 -23.25
PA UDP O . -5.50 -3.29 -24.59
O1A UDP O . -6.33 -2.83 -25.73
O2A UDP O . -5.41 -4.74 -24.29
O3A UDP O . -3.98 -2.70 -24.77
PB UDP O . -3.34 -1.60 -23.74
O1B UDP O . -1.84 -1.30 -24.26
O2B UDP O . -3.16 -2.33 -22.30
O3B UDP O . -4.14 -0.35 -23.64
C1 MYR P . 0.02 -1.53 -0.77
O1 MYR P . -0.32 -2.43 0.04
O2 MYR P . 0.18 -0.37 -0.34
C2 MYR P . 0.24 -1.84 -2.24
C3 MYR P . -0.23 -0.72 -3.16
C4 MYR P . -0.67 -1.27 -4.51
C5 MYR P . -1.15 -0.18 -5.46
C6 MYR P . -2.67 -0.11 -5.55
C7 MYR P . -3.16 -0.12 -6.99
C8 MYR P . -3.73 1.23 -7.41
C9 MYR P . -4.68 1.09 -8.60
C10 MYR P . -6.01 1.79 -8.36
C11 MYR P . -7.19 0.87 -8.64
C12 MYR P . -8.10 1.42 -9.73
C13 MYR P . -9.55 1.00 -9.52
C14 MYR P . -9.99 -0.05 -10.54
#